data_3PIU
#
_entry.id   3PIU
#
_cell.length_a   103.710
_cell.length_b   61.140
_cell.length_c   76.830
_cell.angle_alpha   90.00
_cell.angle_beta   123.12
_cell.angle_gamma   90.00
#
_symmetry.space_group_name_H-M   'C 1 2 1'
#
loop_
_entity.id
_entity.type
_entity.pdbx_description
1 polymer '1-aminocyclopropane-1-carboxylate synthase'
2 non-polymer '(5-HYDROXY-4,6-DIMETHYLPYRIDIN-3-YL)METHYL DIHYDROGEN PHOSPHATE'
3 water water
#
_entity_poly.entity_id   1
_entity_poly.type   'polypeptide(L)'
_entity_poly.pdbx_seq_one_letter_code
;MRMLSRNATFNSHGQDSSYFLGWQEYEKNPYHEVHNTNGIIQMGLAENQLCFDLLESWLAKNPEAAAFKKNGESIFAELA
LFQDYHGLPAFKKAMVDFMAEIRGNKVTFDPNHLVLTAGATSANETFIFCLADPGEAVLIPTPYYPGFDRDLKWRTGVEI
VPIHCTSSNGFQITETALEEAYQEAEKRNLRVKGVLVTNPSNPLGTTMTRNELYLLLSFVEDKGIHLISDEIYSGTAFSS
PSFISVMEVLKDRNCDENSEVWQRVHVVYSLS(LLP)DLGLPGFRVGAIYSNDDMVVAAATKMSSFGLVSSQTQHLLSAM
LSDKKLTKNYIAENHKRLKQRQKKLVSGLQKSGISCLNGNAGLFCWVDMRHLLRSNTFEAEMELWKKIVYEVHLNISPGS
SCHCTEPGWFRVCFANLPERTLDLAMQRLKAFVGEYYNV
;
_entity_poly.pdbx_strand_id   A
#
# COMPACT_ATOMS: atom_id res chain seq x y z
N SER A 18 17.55 -10.73 12.77
CA SER A 18 17.18 -9.99 11.56
C SER A 18 15.67 -10.12 11.30
N TYR A 19 15.14 -9.20 10.50
CA TYR A 19 13.71 -9.18 10.21
C TYR A 19 13.31 -10.14 9.09
N PHE A 20 14.30 -10.86 8.55
CA PHE A 20 14.04 -11.78 7.45
C PHE A 20 13.83 -13.21 7.93
N LEU A 21 13.89 -13.40 9.25
CA LEU A 21 13.81 -14.73 9.84
C LEU A 21 12.48 -15.43 9.55
N GLY A 22 11.38 -14.69 9.64
CA GLY A 22 10.06 -15.26 9.38
C GLY A 22 9.94 -15.75 7.95
N TRP A 23 10.41 -14.95 7.01
CA TRP A 23 10.40 -15.33 5.60
C TRP A 23 11.34 -16.50 5.30
N GLN A 24 12.51 -16.50 5.93
CA GLN A 24 13.46 -17.58 5.74
C GLN A 24 12.84 -18.92 6.14
N GLU A 25 12.18 -18.93 7.30
CA GLU A 25 11.55 -20.15 7.78
C GLU A 25 10.34 -20.54 6.94
N TYR A 26 9.60 -19.55 6.43
CA TYR A 26 8.45 -19.83 5.58
C TYR A 26 8.89 -20.55 4.30
N GLU A 27 9.95 -20.04 3.68
CA GLU A 27 10.47 -20.64 2.46
C GLU A 27 10.91 -22.09 2.67
N LYS A 28 11.42 -22.39 3.86
CA LYS A 28 11.93 -23.71 4.18
C LYS A 28 10.81 -24.69 4.55
N ASN A 29 9.73 -24.15 5.12
CA ASN A 29 8.66 -25.00 5.63
C ASN A 29 7.28 -24.34 5.44
N PRO A 30 6.86 -24.17 4.18
CA PRO A 30 5.59 -23.48 3.93
C PRO A 30 4.38 -24.38 4.16
N TYR A 31 3.34 -23.82 4.76
CA TYR A 31 2.11 -24.55 5.01
C TYR A 31 1.44 -25.03 3.73
N HIS A 32 0.89 -26.24 3.78
CA HIS A 32 0.04 -26.74 2.72
C HIS A 32 -0.97 -27.69 3.33
N GLU A 33 -2.25 -27.43 3.08
CA GLU A 33 -3.32 -28.14 3.78
C GLU A 33 -3.40 -29.63 3.44
N VAL A 34 -2.86 -30.02 2.28
CA VAL A 34 -2.90 -31.42 1.89
C VAL A 34 -1.53 -32.03 1.59
N HIS A 35 -0.48 -31.44 2.18
CA HIS A 35 0.87 -31.96 2.03
C HIS A 35 1.75 -31.61 3.24
N ASN A 36 1.52 -30.42 3.80
CA ASN A 36 2.34 -29.94 4.91
C ASN A 36 1.52 -29.15 5.92
N THR A 37 0.59 -29.84 6.59
CA THR A 37 -0.36 -29.21 7.49
C THR A 37 0.28 -28.53 8.70
N ASN A 38 1.51 -28.92 9.02
CA ASN A 38 2.20 -28.35 10.18
C ASN A 38 3.15 -27.22 9.79
N GLY A 39 3.11 -26.83 8.52
CA GLY A 39 4.01 -25.82 8.00
C GLY A 39 3.64 -24.40 8.38
N ILE A 40 4.49 -23.46 8.01
CA ILE A 40 4.30 -22.06 8.35
C ILE A 40 3.24 -21.38 7.48
N ILE A 41 2.24 -20.80 8.12
CA ILE A 41 1.18 -20.09 7.40
C ILE A 41 1.61 -18.66 7.11
N GLN A 42 1.49 -18.26 5.85
CA GLN A 42 1.92 -16.93 5.41
C GLN A 42 0.91 -15.85 5.72
N MET A 43 1.21 -15.01 6.71
CA MET A 43 0.39 -13.84 6.97
CA MET A 43 0.39 -13.85 7.01
C MET A 43 1.24 -12.58 7.01
N GLY A 44 2.38 -12.63 6.32
CA GLY A 44 3.32 -11.52 6.30
C GLY A 44 3.45 -10.80 4.96
N LEU A 45 2.66 -11.23 3.98
CA LEU A 45 2.74 -10.66 2.64
C LEU A 45 1.42 -10.00 2.25
N ALA A 46 1.47 -8.71 1.93
CA ALA A 46 0.25 -7.98 1.56
C ALA A 46 -0.10 -8.32 0.12
N GLU A 47 -0.89 -9.36 -0.03
CA GLU A 47 -1.21 -9.91 -1.33
C GLU A 47 -2.72 -10.14 -1.33
N ASN A 48 -3.39 -9.73 -2.39
CA ASN A 48 -4.84 -9.88 -2.46
C ASN A 48 -5.22 -11.01 -3.40
N GLN A 49 -5.63 -12.14 -2.83
CA GLN A 49 -6.07 -13.28 -3.62
C GLN A 49 -7.58 -13.49 -3.54
N LEU A 50 -8.31 -12.47 -3.09
CA LEU A 50 -9.75 -12.64 -2.82
C LEU A 50 -10.67 -12.58 -4.02
N CYS A 51 -10.23 -11.95 -5.10
CA CYS A 51 -11.14 -11.64 -6.19
C CYS A 51 -10.71 -12.13 -7.58
N PHE A 52 -9.77 -13.06 -7.63
CA PHE A 52 -9.28 -13.51 -8.92
C PHE A 52 -10.38 -14.11 -9.77
N ASP A 53 -11.37 -14.73 -9.14
CA ASP A 53 -12.48 -15.32 -9.89
C ASP A 53 -13.17 -14.28 -10.77
N LEU A 54 -13.27 -13.04 -10.28
CA LEU A 54 -13.93 -11.98 -11.05
C LEU A 54 -13.14 -11.67 -12.32
N LEU A 55 -11.83 -11.64 -12.19
CA LEU A 55 -10.96 -11.33 -13.33
C LEU A 55 -10.92 -12.50 -14.30
N GLU A 56 -10.81 -13.72 -13.77
CA GLU A 56 -10.81 -14.91 -14.62
C GLU A 56 -12.12 -15.02 -15.38
N SER A 57 -13.23 -14.71 -14.72
CA SER A 57 -14.52 -14.77 -15.38
C SER A 57 -14.59 -13.76 -16.50
N TRP A 58 -14.07 -12.55 -16.25
CA TRP A 58 -14.06 -11.53 -17.29
C TRP A 58 -13.22 -11.97 -18.47
N LEU A 59 -12.05 -12.52 -18.19
CA LEU A 59 -11.16 -12.99 -19.26
C LEU A 59 -11.82 -14.08 -20.10
N ALA A 60 -12.61 -14.94 -19.46
CA ALA A 60 -13.28 -16.02 -20.16
C ALA A 60 -14.34 -15.47 -21.12
N LYS A 61 -15.00 -14.40 -20.71
N LYS A 61 -14.99 -14.39 -20.73
CA LYS A 61 -16.06 -13.79 -21.50
CA LYS A 61 -16.06 -13.80 -21.53
C LYS A 61 -15.50 -12.87 -22.59
C LYS A 61 -15.57 -12.72 -22.48
N ASN A 62 -14.29 -12.35 -22.35
CA ASN A 62 -13.71 -11.34 -23.23
C ASN A 62 -12.28 -11.69 -23.65
N PRO A 63 -12.13 -12.76 -24.44
CA PRO A 63 -10.79 -13.30 -24.74
C PRO A 63 -9.95 -12.46 -25.71
N GLU A 64 -10.51 -11.41 -26.30
CA GLU A 64 -9.82 -10.69 -27.37
C GLU A 64 -8.50 -9.99 -26.99
N ALA A 65 -8.49 -9.20 -25.93
CA ALA A 65 -7.31 -8.40 -25.59
C ALA A 65 -6.10 -9.26 -25.28
N ALA A 66 -6.31 -10.35 -24.55
CA ALA A 66 -5.22 -11.25 -24.21
C ALA A 66 -4.71 -11.92 -25.47
N ALA A 67 -5.56 -11.97 -26.50
CA ALA A 67 -5.18 -12.63 -27.75
C ALA A 67 -4.56 -11.68 -28.78
N PHE A 68 -4.25 -10.46 -28.36
CA PHE A 68 -3.65 -9.47 -29.27
C PHE A 68 -4.57 -9.15 -30.43
N LYS A 69 -5.88 -9.13 -30.16
CA LYS A 69 -6.85 -8.79 -31.18
C LYS A 69 -7.69 -7.61 -30.72
N LYS A 70 -8.11 -6.79 -31.67
CA LYS A 70 -9.04 -5.70 -31.41
C LYS A 70 -9.94 -5.57 -32.62
N ASN A 71 -11.24 -5.69 -32.40
CA ASN A 71 -12.21 -5.66 -33.50
C ASN A 71 -11.90 -6.74 -34.53
N GLY A 72 -11.45 -7.89 -34.04
CA GLY A 72 -11.19 -9.04 -34.90
C GLY A 72 -9.90 -8.98 -35.69
N GLU A 73 -9.16 -7.88 -35.54
CA GLU A 73 -7.92 -7.69 -36.26
C GLU A 73 -6.74 -7.94 -35.30
N SER A 74 -5.64 -8.50 -35.80
CA SER A 74 -4.46 -8.65 -34.97
C SER A 74 -3.81 -7.28 -34.77
N ILE A 75 -3.45 -7.00 -33.52
CA ILE A 75 -2.71 -5.79 -33.21
C ILE A 75 -1.40 -6.16 -32.53
N PHE A 76 -0.97 -7.41 -32.72
CA PHE A 76 0.29 -7.86 -32.13
C PHE A 76 1.46 -6.95 -32.52
N ALA A 77 1.62 -6.69 -33.81
CA ALA A 77 2.74 -5.91 -34.27
C ALA A 77 2.71 -4.50 -33.69
N GLU A 78 1.53 -3.88 -33.70
CA GLU A 78 1.39 -2.54 -33.15
C GLU A 78 1.80 -2.48 -31.68
N LEU A 79 1.37 -3.47 -30.90
CA LEU A 79 1.75 -3.52 -29.49
C LEU A 79 3.23 -3.85 -29.31
N ALA A 80 3.74 -4.79 -30.10
CA ALA A 80 5.14 -5.16 -30.02
C ALA A 80 6.03 -3.93 -30.20
N LEU A 81 5.62 -3.02 -31.06
CA LEU A 81 6.41 -1.83 -31.35
C LEU A 81 6.15 -0.66 -30.42
N PHE A 82 5.13 -0.76 -29.59
CA PHE A 82 4.72 0.39 -28.79
C PHE A 82 5.59 0.58 -27.53
N GLN A 83 6.52 1.52 -27.64
CA GLN A 83 7.49 1.75 -26.56
C GLN A 83 7.48 3.19 -26.07
N ASP A 84 6.41 3.92 -26.37
CA ASP A 84 6.31 5.35 -26.06
C ASP A 84 6.21 5.59 -24.55
N TYR A 85 7.05 6.47 -24.03
CA TYR A 85 7.06 6.68 -22.58
C TYR A 85 5.88 7.47 -22.06
N HIS A 86 4.99 7.92 -22.96
CA HIS A 86 3.73 8.52 -22.52
C HIS A 86 2.68 7.48 -22.18
N GLY A 87 2.93 6.23 -22.57
CA GLY A 87 1.99 5.16 -22.30
C GLY A 87 0.91 5.05 -23.36
N LEU A 88 0.21 3.92 -23.37
CA LEU A 88 -0.84 3.68 -24.33
C LEU A 88 -2.02 4.59 -23.97
N PRO A 89 -2.45 5.46 -24.90
CA PRO A 89 -3.49 6.43 -24.55
C PRO A 89 -4.76 5.79 -23.98
N ALA A 90 -5.21 4.68 -24.57
CA ALA A 90 -6.43 4.03 -24.09
C ALA A 90 -6.27 3.52 -22.66
N PHE A 91 -5.06 3.10 -22.32
CA PHE A 91 -4.81 2.59 -20.99
C PHE A 91 -4.74 3.71 -19.98
N LYS A 92 -4.09 4.82 -20.33
CA LYS A 92 -4.06 5.94 -19.39
CA LYS A 92 -4.05 6.00 -19.47
C LYS A 92 -5.45 6.49 -19.14
N LYS A 93 -6.31 6.48 -20.15
CA LYS A 93 -7.70 6.92 -20.00
C LYS A 93 -8.45 5.97 -19.07
N ALA A 94 -8.29 4.67 -19.28
CA ALA A 94 -8.93 3.70 -18.40
C ALA A 94 -8.44 3.85 -16.97
N MET A 95 -7.14 4.09 -16.79
CA MET A 95 -6.58 4.28 -15.46
C MET A 95 -7.14 5.49 -14.74
N VAL A 96 -7.15 6.65 -15.39
CA VAL A 96 -7.69 7.82 -14.70
C VAL A 96 -9.16 7.66 -14.40
N ASP A 97 -9.90 7.00 -15.29
CA ASP A 97 -11.32 6.75 -15.03
C ASP A 97 -11.47 5.86 -13.80
N PHE A 98 -10.62 4.85 -13.69
CA PHE A 98 -10.69 3.91 -12.56
C PHE A 98 -10.32 4.63 -11.27
N MET A 99 -9.31 5.48 -11.33
CA MET A 99 -8.91 6.27 -10.17
C MET A 99 -10.04 7.21 -9.70
N ALA A 100 -10.73 7.82 -10.65
CA ALA A 100 -11.89 8.64 -10.29
C ALA A 100 -12.97 7.76 -9.65
N GLU A 101 -13.24 6.59 -10.23
CA GLU A 101 -14.30 5.72 -9.74
C GLU A 101 -14.00 5.27 -8.31
N ILE A 102 -12.75 4.93 -8.04
CA ILE A 102 -12.34 4.55 -6.69
C ILE A 102 -12.69 5.65 -5.69
N ARG A 103 -12.54 6.89 -6.14
CA ARG A 103 -12.81 8.07 -5.32
C ARG A 103 -14.25 8.58 -5.49
N GLY A 104 -15.15 7.69 -5.90
CA GLY A 104 -16.57 8.02 -5.99
C GLY A 104 -16.86 9.14 -6.97
N ASN A 105 -15.96 9.29 -7.94
CA ASN A 105 -16.04 10.34 -8.94
C ASN A 105 -16.02 11.75 -8.36
N LYS A 106 -15.46 11.88 -7.16
CA LYS A 106 -15.35 13.16 -6.48
C LYS A 106 -14.17 13.98 -7.00
N VAL A 107 -13.22 13.30 -7.63
CA VAL A 107 -12.10 13.99 -8.27
C VAL A 107 -11.83 13.35 -9.62
N THR A 108 -11.33 14.15 -10.55
CA THR A 108 -10.97 13.69 -11.89
CA THR A 108 -10.94 13.61 -11.85
C THR A 108 -9.47 13.87 -12.11
N PHE A 109 -8.88 13.02 -12.94
CA PHE A 109 -7.46 13.07 -13.23
C PHE A 109 -7.25 13.25 -14.73
N ASP A 110 -6.33 14.15 -15.09
CA ASP A 110 -5.97 14.37 -16.48
C ASP A 110 -4.99 13.28 -16.90
N PRO A 111 -5.34 12.48 -17.92
CA PRO A 111 -4.41 11.40 -18.29
C PRO A 111 -3.06 11.95 -18.76
N ASN A 112 -2.99 13.19 -19.22
CA ASN A 112 -1.72 13.80 -19.59
C ASN A 112 -0.83 14.07 -18.37
N HIS A 113 -1.41 14.01 -17.18
CA HIS A 113 -0.66 14.23 -15.95
C HIS A 113 -0.37 12.92 -15.22
N LEU A 114 -0.73 11.80 -15.85
CA LEU A 114 -0.47 10.47 -15.31
C LEU A 114 0.75 9.90 -16.02
N VAL A 115 1.65 9.29 -15.26
CA VAL A 115 2.83 8.66 -15.85
C VAL A 115 2.87 7.21 -15.39
N LEU A 116 2.83 6.26 -16.33
CA LEU A 116 2.91 4.84 -15.98
C LEU A 116 4.34 4.43 -15.62
N THR A 117 4.45 3.53 -14.65
CA THR A 117 5.75 3.02 -14.19
C THR A 117 5.61 1.54 -13.87
N ALA A 118 6.74 0.84 -13.76
CA ALA A 118 6.73 -0.60 -13.46
C ALA A 118 6.48 -0.83 -11.97
N GLY A 119 5.22 -0.68 -11.56
CA GLY A 119 4.81 -0.79 -10.16
C GLY A 119 4.96 0.50 -9.38
N ALA A 120 4.31 0.56 -8.22
CA ALA A 120 4.51 1.67 -7.29
C ALA A 120 5.94 1.71 -6.76
N THR A 121 6.61 0.57 -6.73
CA THR A 121 8.03 0.54 -6.35
C THR A 121 8.83 1.50 -7.22
N SER A 122 8.61 1.41 -8.54
CA SER A 122 9.26 2.28 -9.50
C SER A 122 8.77 3.73 -9.36
N ALA A 123 7.45 3.90 -9.19
CA ALA A 123 6.88 5.24 -9.07
C ALA A 123 7.46 6.01 -7.89
N ASN A 124 7.56 5.34 -6.74
CA ASN A 124 8.05 6.04 -5.56
C ASN A 124 9.52 6.43 -5.74
N GLU A 125 10.34 5.54 -6.27
CA GLU A 125 11.75 5.87 -6.48
C GLU A 125 11.87 7.05 -7.45
N THR A 126 11.10 7.00 -8.53
CA THR A 126 11.13 8.05 -9.53
C THR A 126 10.70 9.40 -8.93
N PHE A 127 9.67 9.42 -8.08
CA PHE A 127 9.30 10.66 -7.41
C PHE A 127 10.46 11.23 -6.61
N ILE A 128 11.15 10.37 -5.86
CA ILE A 128 12.28 10.84 -5.07
C ILE A 128 13.37 11.42 -5.98
N PHE A 129 13.70 10.74 -7.08
CA PHE A 129 14.70 11.27 -7.99
C PHE A 129 14.28 12.65 -8.51
N CYS A 130 12.98 12.83 -8.74
CA CYS A 130 12.48 14.10 -9.29
C CYS A 130 12.47 15.25 -8.29
N LEU A 131 12.29 14.92 -7.01
CA LEU A 131 12.00 15.95 -6.02
C LEU A 131 13.13 16.24 -5.03
N ALA A 132 14.11 15.34 -4.96
CA ALA A 132 15.16 15.45 -3.97
C ALA A 132 16.51 15.03 -4.51
N ASP A 133 17.55 15.74 -4.08
CA ASP A 133 18.91 15.44 -4.49
C ASP A 133 19.58 14.57 -3.44
N PRO A 134 20.65 13.88 -3.83
CA PRO A 134 21.39 13.10 -2.84
C PRO A 134 21.76 13.95 -1.64
N GLY A 135 21.58 13.38 -0.45
CA GLY A 135 21.92 14.08 0.76
C GLY A 135 20.76 14.88 1.35
N GLU A 136 19.64 14.94 0.63
CA GLU A 136 18.45 15.62 1.14
C GLU A 136 17.52 14.60 1.78
N ALA A 137 16.37 15.02 2.28
CA ALA A 137 15.53 14.12 3.06
C ALA A 137 14.05 14.24 2.76
N VAL A 138 13.34 13.15 3.01
CA VAL A 138 11.88 13.18 3.03
CA VAL A 138 11.88 13.12 3.00
C VAL A 138 11.39 12.68 4.38
N LEU A 139 10.25 13.20 4.82
CA LEU A 139 9.68 12.81 6.10
C LEU A 139 8.62 11.74 5.87
N ILE A 140 8.61 10.70 6.71
CA ILE A 140 7.63 9.63 6.56
CA ILE A 140 7.64 9.61 6.56
C ILE A 140 7.04 9.27 7.91
N PRO A 141 5.70 9.24 8.00
CA PRO A 141 5.10 8.84 9.28
C PRO A 141 5.44 7.40 9.60
N THR A 142 5.79 7.14 10.86
CA THR A 142 5.97 5.77 11.32
C THR A 142 4.71 5.34 12.05
N PRO A 143 4.38 4.05 12.00
CA PRO A 143 5.07 2.99 11.25
C PRO A 143 4.84 3.14 9.75
N TYR A 144 5.79 2.66 8.95
CA TYR A 144 5.64 2.71 7.50
C TYR A 144 6.07 1.43 6.82
N TYR A 145 5.73 1.33 5.55
CA TYR A 145 6.09 0.21 4.70
C TYR A 145 7.60 0.03 4.62
N PRO A 146 8.12 -1.12 5.08
CA PRO A 146 9.57 -1.29 5.13
C PRO A 146 10.26 -1.18 3.77
N GLY A 147 9.53 -1.46 2.70
CA GLY A 147 10.10 -1.34 1.37
C GLY A 147 10.65 0.05 1.09
N PHE A 148 10.12 1.05 1.79
CA PHE A 148 10.54 2.43 1.53
C PHE A 148 12.01 2.64 1.85
N ASP A 149 12.53 1.90 2.83
CA ASP A 149 13.94 2.06 3.19
C ASP A 149 14.87 1.74 2.03
N ARG A 150 14.43 0.87 1.13
CA ARG A 150 15.16 0.60 -0.11
C ARG A 150 14.68 1.54 -1.21
N ASP A 151 13.38 1.54 -1.47
CA ASP A 151 12.84 2.25 -2.64
C ASP A 151 13.22 3.71 -2.66
N LEU A 152 13.13 4.37 -1.50
CA LEU A 152 13.30 5.81 -1.47
C LEU A 152 14.74 6.25 -1.31
N LYS A 153 15.62 5.33 -0.88
CA LYS A 153 16.97 5.71 -0.44
C LYS A 153 18.12 5.12 -1.23
N TRP A 154 17.94 3.89 -1.71
CA TRP A 154 19.09 3.11 -2.15
C TRP A 154 19.88 3.75 -3.29
N ARG A 155 19.19 4.08 -4.37
CA ARG A 155 19.86 4.63 -5.55
C ARG A 155 19.78 6.15 -5.60
N THR A 156 18.98 6.72 -4.73
CA THR A 156 18.69 8.15 -4.75
C THR A 156 19.61 8.98 -3.87
N GLY A 157 20.26 8.33 -2.90
CA GLY A 157 21.05 9.03 -1.91
C GLY A 157 20.23 9.91 -0.97
N VAL A 158 18.92 9.71 -0.96
CA VAL A 158 18.03 10.50 -0.12
C VAL A 158 17.80 9.80 1.22
N GLU A 159 17.62 10.59 2.27
CA GLU A 159 17.43 10.03 3.60
C GLU A 159 15.96 10.09 4.01
N ILE A 160 15.56 9.22 4.92
CA ILE A 160 14.24 9.27 5.52
C ILE A 160 14.35 9.78 6.95
N VAL A 161 13.49 10.74 7.31
CA VAL A 161 13.38 11.20 8.68
C VAL A 161 11.96 10.87 9.13
N PRO A 162 11.83 10.15 10.24
CA PRO A 162 10.50 9.69 10.67
C PRO A 162 9.63 10.76 11.31
N ILE A 163 8.34 10.72 11.02
CA ILE A 163 7.33 11.47 11.76
C ILE A 163 6.67 10.46 12.69
N HIS A 164 7.03 10.48 13.96
CA HIS A 164 6.59 9.41 14.84
C HIS A 164 5.13 9.51 15.25
N CYS A 165 4.40 8.42 15.04
CA CYS A 165 3.01 8.33 15.46
C CYS A 165 2.92 7.28 16.54
N THR A 166 2.01 7.48 17.48
CA THR A 166 1.86 6.59 18.62
C THR A 166 0.41 6.11 18.79
N SER A 167 0.23 5.06 19.57
CA SER A 167 -1.10 4.44 19.72
C SER A 167 -2.07 5.30 20.50
N SER A 168 -1.56 6.25 21.27
CA SER A 168 -2.39 7.09 22.12
CA SER A 168 -2.39 7.11 22.12
C SER A 168 -3.55 7.75 21.35
N ASN A 169 -3.29 8.09 20.10
CA ASN A 169 -4.34 8.72 19.28
C ASN A 169 -4.60 7.92 18.00
N GLY A 170 -4.36 6.62 18.07
CA GLY A 170 -4.61 5.74 16.94
C GLY A 170 -3.61 5.92 15.81
N PHE A 171 -2.37 6.23 16.17
CA PHE A 171 -1.29 6.36 15.20
C PHE A 171 -1.55 7.45 14.14
N GLN A 172 -2.18 8.54 14.57
CA GLN A 172 -2.42 9.66 13.67
C GLN A 172 -1.28 10.67 13.70
N ILE A 173 -1.09 11.34 12.56
CA ILE A 173 -0.09 12.40 12.46
C ILE A 173 -0.56 13.64 13.24
N THR A 174 0.35 14.24 13.99
CA THR A 174 0.03 15.42 14.78
C THR A 174 0.94 16.57 14.37
N GLU A 175 0.53 17.80 14.68
CA GLU A 175 1.38 18.93 14.34
CA GLU A 175 1.35 18.97 14.39
C GLU A 175 2.70 18.82 15.09
N THR A 176 2.67 18.37 16.33
CA THR A 176 3.87 18.22 17.14
C THR A 176 4.86 17.24 16.51
N ALA A 177 4.35 16.09 16.06
CA ALA A 177 5.22 15.09 15.45
C ALA A 177 5.86 15.60 14.16
N LEU A 178 5.12 16.38 13.38
CA LEU A 178 5.67 16.96 12.16
C LEU A 178 6.80 17.93 12.46
N GLU A 179 6.59 18.80 13.44
CA GLU A 179 7.63 19.74 13.82
C GLU A 179 8.85 19.03 14.39
N GLU A 180 8.62 17.99 15.19
CA GLU A 180 9.72 17.21 15.75
C GLU A 180 10.55 16.54 14.64
N ALA A 181 9.87 16.05 13.60
CA ALA A 181 10.56 15.45 12.47
C ALA A 181 11.42 16.48 11.75
N TYR A 182 10.85 17.66 11.53
CA TYR A 182 11.56 18.71 10.81
CA TYR A 182 11.57 18.71 10.82
C TYR A 182 12.82 19.12 11.58
N GLN A 183 12.73 19.12 12.91
CA GLN A 183 13.88 19.47 13.74
CA GLN A 183 13.89 19.49 13.72
C GLN A 183 14.91 18.34 13.85
N GLU A 184 14.45 17.09 13.70
CA GLU A 184 15.39 15.98 13.62
CA GLU A 184 15.41 15.98 13.62
C GLU A 184 16.20 16.08 12.33
N ALA A 185 15.52 16.44 11.23
CA ALA A 185 16.20 16.62 9.96
C ALA A 185 17.28 17.69 10.09
N GLU A 186 16.95 18.79 10.76
CA GLU A 186 17.90 19.87 10.98
C GLU A 186 19.10 19.40 11.81
N LYS A 187 18.83 18.64 12.87
CA LYS A 187 19.88 18.09 13.71
C LYS A 187 20.81 17.21 12.88
N ARG A 188 20.25 16.53 11.88
CA ARG A 188 21.00 15.64 11.02
C ARG A 188 21.60 16.38 9.83
N ASN A 189 21.46 17.69 9.82
CA ASN A 189 21.98 18.53 8.75
C ASN A 189 21.40 18.20 7.38
N LEU A 190 20.13 17.82 7.37
CA LEU A 190 19.47 17.42 6.13
C LEU A 190 18.46 18.48 5.69
N ARG A 191 18.43 18.76 4.40
CA ARG A 191 17.39 19.62 3.85
C ARG A 191 16.16 18.80 3.51
N VAL A 192 15.02 19.17 4.08
CA VAL A 192 13.78 18.46 3.83
C VAL A 192 13.12 18.91 2.53
N LYS A 193 12.77 17.95 1.68
CA LYS A 193 12.18 18.26 0.38
C LYS A 193 10.70 17.89 0.30
N GLY A 194 10.24 17.07 1.23
CA GLY A 194 8.85 16.67 1.19
C GLY A 194 8.47 15.67 2.26
N VAL A 195 7.18 15.33 2.26
CA VAL A 195 6.62 14.34 3.14
C VAL A 195 5.96 13.29 2.26
N LEU A 196 6.19 12.01 2.56
CA LEU A 196 5.52 10.94 1.82
C LEU A 196 4.64 10.18 2.80
N VAL A 197 3.36 10.11 2.49
CA VAL A 197 2.40 9.40 3.33
C VAL A 197 1.76 8.27 2.56
N THR A 198 1.23 7.30 3.29
CA THR A 198 0.53 6.19 2.70
CA THR A 198 0.50 6.22 2.66
C THR A 198 -0.93 6.27 3.15
N ASN A 199 -1.84 6.46 2.21
CA ASN A 199 -3.25 6.70 2.50
C ASN A 199 -4.11 5.94 1.51
N PRO A 200 -4.78 4.87 1.95
CA PRO A 200 -4.77 4.31 3.31
C PRO A 200 -3.42 3.74 3.70
N SER A 201 -3.21 3.56 5.00
CA SER A 201 -1.90 3.20 5.52
C SER A 201 -1.54 1.72 5.47
N ASN A 202 -0.33 1.45 4.97
CA ASN A 202 0.37 0.21 5.25
C ASN A 202 1.43 0.64 6.25
N PRO A 203 1.44 0.08 7.49
CA PRO A 203 0.77 -1.14 7.93
C PRO A 203 -0.47 -0.96 8.83
N LEU A 204 -0.96 0.26 9.01
CA LEU A 204 -1.99 0.50 10.02
C LEU A 204 -3.35 -0.05 9.62
N GLY A 205 -3.63 -0.11 8.31
CA GLY A 205 -4.95 -0.53 7.87
C GLY A 205 -6.02 0.52 8.11
N THR A 206 -5.60 1.78 8.28
CA THR A 206 -6.53 2.88 8.51
C THR A 206 -6.49 3.87 7.35
N THR A 207 -7.60 4.53 7.08
CA THR A 207 -7.65 5.65 6.15
C THR A 207 -7.21 6.94 6.82
N MET A 208 -6.48 7.79 6.12
CA MET A 208 -6.09 9.07 6.70
C MET A 208 -7.33 9.91 6.97
N THR A 209 -7.31 10.66 8.08
CA THR A 209 -8.43 11.52 8.42
C THR A 209 -8.34 12.87 7.71
N ARG A 210 -9.47 13.54 7.57
CA ARG A 210 -9.50 14.86 6.96
C ARG A 210 -8.60 15.83 7.73
N ASN A 211 -8.67 15.73 9.05
N ASN A 211 -8.66 15.77 9.06
CA ASN A 211 -7.83 16.52 9.95
CA ASN A 211 -7.79 16.63 9.87
C ASN A 211 -6.35 16.35 9.65
C ASN A 211 -6.31 16.37 9.61
N GLU A 212 -5.92 15.10 9.47
CA GLU A 212 -4.54 14.79 9.13
C GLU A 212 -4.14 15.37 7.78
N LEU A 213 -5.04 15.23 6.81
CA LEU A 213 -4.75 15.76 5.47
C LEU A 213 -4.61 17.27 5.51
N TYR A 214 -5.48 17.96 6.24
CA TYR A 214 -5.36 19.41 6.36
C TYR A 214 -4.08 19.83 7.08
N LEU A 215 -3.72 19.08 8.12
CA LEU A 215 -2.48 19.34 8.83
C LEU A 215 -1.28 19.17 7.90
N LEU A 216 -1.29 18.11 7.11
CA LEU A 216 -0.20 17.86 6.16
C LEU A 216 -0.12 18.97 5.13
N LEU A 217 -1.26 19.38 4.59
CA LEU A 217 -1.27 20.43 3.57
C LEU A 217 -0.79 21.76 4.14
N SER A 218 -1.22 22.08 5.35
CA SER A 218 -0.78 23.31 6.01
C SER A 218 0.72 23.29 6.23
N PHE A 219 1.24 22.14 6.64
CA PHE A 219 2.66 21.96 6.93
C PHE A 219 3.52 22.11 5.68
N VAL A 220 3.17 21.40 4.60
CA VAL A 220 4.00 21.51 3.40
C VAL A 220 3.87 22.88 2.74
N GLU A 221 2.73 23.54 2.95
CA GLU A 221 2.58 24.92 2.51
C GLU A 221 3.57 25.80 3.26
N ASP A 222 3.57 25.67 4.58
CA ASP A 222 4.46 26.46 5.44
C ASP A 222 5.93 26.25 5.12
N LYS A 223 6.31 25.00 4.88
CA LYS A 223 7.71 24.67 4.71
C LYS A 223 8.18 24.78 3.26
N GLY A 224 7.23 24.96 2.33
CA GLY A 224 7.57 25.08 0.92
C GLY A 224 8.06 23.77 0.34
N ILE A 225 7.47 22.68 0.80
CA ILE A 225 7.89 21.35 0.37
C ILE A 225 6.78 20.56 -0.30
N HIS A 226 7.09 19.34 -0.71
CA HIS A 226 6.13 18.51 -1.43
C HIS A 226 5.40 17.53 -0.53
N LEU A 227 4.20 17.14 -0.97
CA LEU A 227 3.46 16.08 -0.31
C LEU A 227 3.17 14.99 -1.34
N ILE A 228 3.68 13.79 -1.08
CA ILE A 228 3.43 12.66 -1.96
C ILE A 228 2.52 11.71 -1.20
N SER A 229 1.38 11.37 -1.79
CA SER A 229 0.44 10.45 -1.16
C SER A 229 0.42 9.14 -1.93
N ASP A 230 0.96 8.09 -1.33
CA ASP A 230 0.94 6.76 -1.92
C ASP A 230 -0.43 6.18 -1.61
N GLU A 231 -1.29 6.14 -2.63
CA GLU A 231 -2.68 5.75 -2.47
C GLU A 231 -2.93 4.40 -3.13
N ILE A 232 -1.93 3.53 -3.07
CA ILE A 232 -2.02 2.18 -3.61
C ILE A 232 -3.17 1.37 -2.99
N TYR A 233 -3.55 1.69 -1.75
CA TYR A 233 -4.65 0.97 -1.08
C TYR A 233 -6.00 1.67 -1.21
N SER A 234 -6.07 2.70 -2.04
CA SER A 234 -7.28 3.51 -2.14
C SER A 234 -8.56 2.72 -2.43
N GLY A 235 -8.45 1.64 -3.20
CA GLY A 235 -9.62 0.87 -3.59
C GLY A 235 -10.02 -0.17 -2.56
N THR A 236 -9.28 -0.22 -1.46
CA THR A 236 -9.48 -1.26 -0.44
C THR A 236 -10.06 -0.74 0.87
N ALA A 237 -10.69 0.43 0.84
CA ALA A 237 -11.35 0.96 2.02
C ALA A 237 -12.74 0.35 2.11
N PHE A 238 -12.96 -0.52 3.10
CA PHE A 238 -14.14 -1.37 3.13
C PHE A 238 -15.11 -1.10 4.27
N SER A 239 -14.76 -0.19 5.17
CA SER A 239 -15.64 0.21 6.27
CA SER A 239 -15.70 0.24 6.21
C SER A 239 -15.44 1.69 6.59
N SER A 240 -16.37 2.27 7.35
CA SER A 240 -16.22 3.65 7.82
C SER A 240 -14.99 3.77 8.70
N PRO A 241 -14.35 4.96 8.71
CA PRO A 241 -14.71 6.17 7.98
C PRO A 241 -14.30 6.15 6.52
N SER A 242 -14.79 7.12 5.76
CA SER A 242 -14.52 7.18 4.33
C SER A 242 -13.07 7.47 4.00
N PHE A 243 -12.57 6.80 2.98
CA PHE A 243 -11.30 7.16 2.35
C PHE A 243 -11.42 8.58 1.77
N ILE A 244 -10.38 9.37 1.98
CA ILE A 244 -10.32 10.70 1.39
C ILE A 244 -9.00 10.83 0.67
N SER A 245 -9.03 10.94 -0.66
CA SER A 245 -7.81 11.15 -1.42
C SER A 245 -7.25 12.53 -1.14
N VAL A 246 -5.93 12.66 -1.15
CA VAL A 246 -5.34 13.96 -0.95
C VAL A 246 -5.87 14.94 -1.99
N MET A 247 -6.16 14.43 -3.19
CA MET A 247 -6.68 15.29 -4.26
C MET A 247 -8.08 15.83 -3.98
N GLU A 248 -8.84 15.15 -3.11
CA GLU A 248 -10.17 15.65 -2.77
C GLU A 248 -10.08 16.86 -1.86
N VAL A 249 -9.18 16.81 -0.89
CA VAL A 249 -9.01 17.91 0.05
C VAL A 249 -8.48 19.15 -0.67
N LEU A 250 -7.73 18.93 -1.76
CA LEU A 250 -7.22 20.02 -2.57
C LEU A 250 -8.34 20.84 -3.22
N LYS A 251 -9.46 20.19 -3.51
CA LYS A 251 -10.61 20.88 -4.07
C LYS A 251 -11.12 21.93 -3.09
N ASP A 252 -11.28 21.52 -1.82
CA ASP A 252 -11.73 22.43 -0.79
C ASP A 252 -10.56 23.18 -0.17
N GLU A 260 -0.52 27.69 -5.05
CA GLU A 260 0.88 27.38 -4.77
C GLU A 260 1.07 25.92 -4.35
N VAL A 261 0.52 25.57 -3.19
CA VAL A 261 0.70 24.22 -2.66
C VAL A 261 0.12 23.15 -3.60
N TRP A 262 -0.86 23.53 -4.41
CA TRP A 262 -1.49 22.62 -5.36
C TRP A 262 -0.48 21.94 -6.30
N GLN A 263 0.55 22.68 -6.70
CA GLN A 263 1.59 22.18 -7.59
C GLN A 263 2.53 21.20 -6.89
N ARG A 264 2.46 21.15 -5.57
CA ARG A 264 3.39 20.33 -4.80
C ARG A 264 2.75 19.12 -4.15
N VAL A 265 1.55 18.76 -4.58
CA VAL A 265 0.86 17.59 -4.06
C VAL A 265 0.75 16.54 -5.17
N HIS A 266 1.17 15.32 -4.86
CA HIS A 266 1.31 14.29 -5.89
C HIS A 266 0.78 12.96 -5.38
N VAL A 267 0.43 12.07 -6.30
CA VAL A 267 -0.15 10.77 -5.95
C VAL A 267 0.63 9.62 -6.59
N VAL A 268 0.80 8.54 -5.84
CA VAL A 268 1.32 7.28 -6.38
C VAL A 268 0.19 6.25 -6.32
N TYR A 269 0.08 5.46 -7.38
CA TYR A 269 -0.96 4.44 -7.44
C TYR A 269 -0.40 3.18 -8.11
N SER A 270 -1.10 2.06 -7.99
CA SER A 270 -0.67 0.81 -8.59
C SER A 270 -1.85 -0.16 -8.59
N LEU A 271 -1.82 -1.16 -9.47
CA LEU A 271 -2.86 -2.19 -9.51
C LEU A 271 -2.45 -3.43 -8.70
N SER A 272 -1.36 -3.33 -7.95
CA SER A 272 -0.84 -4.51 -7.28
C SER A 272 -1.66 -5.02 -6.11
N LYS A 273 -2.24 -4.08 -5.36
CA LYS A 273 -2.95 -4.43 -4.13
C LYS A 273 -4.43 -4.64 -4.37
N ASP A 274 -5.07 -3.69 -5.03
CA ASP A 274 -6.52 -3.75 -5.21
C ASP A 274 -6.95 -4.87 -6.15
N LEU A 275 -6.39 -4.88 -7.36
CA LEU A 275 -6.70 -5.91 -8.33
C LEU A 275 -5.85 -7.18 -8.16
N GLY A 276 -4.83 -7.10 -7.31
CA GLY A 276 -4.01 -8.27 -7.04
C GLY A 276 -3.11 -8.66 -8.20
N LEU A 277 -2.57 -7.66 -8.90
CA LEU A 277 -1.79 -7.92 -10.10
C LEU A 277 -0.33 -7.46 -9.96
N PRO A 278 0.33 -7.78 -8.83
CA PRO A 278 1.70 -7.26 -8.68
C PRO A 278 2.65 -7.78 -9.76
N GLY A 279 2.43 -8.97 -10.30
CA GLY A 279 3.33 -9.50 -11.30
C GLY A 279 3.33 -8.71 -12.59
N PHE A 280 2.26 -7.98 -12.85
CA PHE A 280 2.12 -7.24 -14.10
C PHE A 280 2.82 -5.88 -14.08
N ARG A 281 3.21 -5.41 -12.89
CA ARG A 281 4.01 -4.20 -12.70
C ARG A 281 3.33 -2.94 -13.25
N VAL A 282 2.12 -2.67 -12.76
CA VAL A 282 1.41 -1.48 -13.20
C VAL A 282 1.37 -0.47 -12.07
N GLY A 283 2.18 0.57 -12.21
CA GLY A 283 2.21 1.67 -11.26
C GLY A 283 1.95 2.96 -11.98
N ALA A 284 1.70 4.01 -11.20
CA ALA A 284 1.46 5.31 -11.79
C ALA A 284 1.86 6.43 -10.86
N ILE A 285 2.39 7.48 -11.47
CA ILE A 285 2.61 8.75 -10.82
C ILE A 285 1.56 9.72 -11.34
N TYR A 286 0.99 10.52 -10.45
CA TYR A 286 0.13 11.60 -10.89
C TYR A 286 0.60 12.89 -10.25
N SER A 287 0.82 13.93 -11.06
CA SER A 287 1.24 15.21 -10.53
C SER A 287 0.55 16.35 -11.24
N ASN A 288 0.25 17.43 -10.51
CA ASN A 288 -0.31 18.64 -11.09
C ASN A 288 0.77 19.51 -11.72
N ASP A 289 2.04 19.21 -11.42
CA ASP A 289 3.16 20.03 -11.90
C ASP A 289 3.65 19.50 -13.24
N ASP A 290 3.48 20.31 -14.29
CA ASP A 290 3.87 19.91 -15.66
C ASP A 290 5.32 19.45 -15.72
N MET A 291 6.19 20.11 -14.95
CA MET A 291 7.62 19.78 -14.99
CA MET A 291 7.62 19.79 -14.98
C MET A 291 7.92 18.44 -14.33
N VAL A 292 7.17 18.13 -13.28
CA VAL A 292 7.32 16.84 -12.64
C VAL A 292 6.83 15.74 -13.59
N VAL A 293 5.70 15.99 -14.24
CA VAL A 293 5.16 15.03 -15.21
C VAL A 293 6.19 14.77 -16.31
N ALA A 294 6.79 15.84 -16.83
CA ALA A 294 7.75 15.70 -17.91
C ALA A 294 8.99 14.90 -17.46
N ALA A 295 9.51 15.23 -16.28
CA ALA A 295 10.68 14.54 -15.77
C ALA A 295 10.38 13.07 -15.49
N ALA A 296 9.25 12.82 -14.84
CA ALA A 296 8.86 11.44 -14.52
C ALA A 296 8.62 10.63 -15.80
N THR A 297 8.04 11.26 -16.81
CA THR A 297 7.80 10.61 -18.09
C THR A 297 9.12 10.13 -18.69
N LYS A 298 10.11 11.01 -18.70
CA LYS A 298 11.42 10.64 -19.21
C LYS A 298 12.05 9.53 -18.36
N MET A 299 11.90 9.61 -17.04
N MET A 299 11.88 9.61 -17.05
CA MET A 299 12.44 8.57 -16.16
CA MET A 299 12.42 8.61 -16.16
C MET A 299 11.75 7.24 -16.32
C MET A 299 11.76 7.25 -16.34
N SER A 300 10.50 7.25 -16.75
CA SER A 300 9.76 6.01 -16.91
C SER A 300 10.39 5.10 -17.95
N SER A 301 11.27 5.66 -18.79
CA SER A 301 11.98 4.86 -19.79
CA SER A 301 11.98 4.86 -19.79
C SER A 301 12.71 3.69 -19.15
N PHE A 302 13.13 3.86 -17.89
CA PHE A 302 13.87 2.82 -17.19
C PHE A 302 12.97 1.73 -16.59
N GLY A 303 11.66 1.93 -16.67
CA GLY A 303 10.70 1.02 -16.06
C GLY A 303 9.33 1.18 -16.67
N LEU A 304 9.23 0.95 -17.97
CA LEU A 304 7.95 1.06 -18.65
C LEU A 304 7.09 -0.15 -18.37
N VAL A 305 5.78 0.02 -18.54
CA VAL A 305 4.85 -1.10 -18.43
C VAL A 305 4.79 -1.83 -19.79
N SER A 306 4.84 -3.14 -19.77
CA SER A 306 4.72 -3.91 -21.01
C SER A 306 3.49 -3.51 -21.79
N SER A 307 3.64 -3.29 -23.09
CA SER A 307 2.50 -2.89 -23.90
C SER A 307 1.45 -4.01 -23.98
N GLN A 308 1.90 -5.27 -23.86
CA GLN A 308 0.98 -6.39 -23.81
C GLN A 308 0.03 -6.23 -22.61
N THR A 309 0.61 -5.88 -21.47
CA THR A 309 -0.13 -5.69 -20.24
C THR A 309 -0.98 -4.42 -20.28
N GLN A 310 -0.44 -3.34 -20.82
CA GLN A 310 -1.23 -2.12 -20.98
C GLN A 310 -2.48 -2.39 -21.79
N HIS A 311 -2.33 -3.13 -22.88
CA HIS A 311 -3.49 -3.41 -23.73
C HIS A 311 -4.55 -4.22 -22.98
N LEU A 312 -4.11 -5.30 -22.32
CA LEU A 312 -5.04 -6.15 -21.59
C LEU A 312 -5.80 -5.34 -20.55
N LEU A 313 -5.07 -4.57 -19.74
CA LEU A 313 -5.71 -3.87 -18.65
C LEU A 313 -6.54 -2.69 -19.14
N SER A 314 -6.21 -2.14 -20.30
N SER A 314 -6.19 -2.15 -20.30
CA SER A 314 -7.04 -1.09 -20.88
CA SER A 314 -7.02 -1.11 -20.91
C SER A 314 -8.42 -1.66 -21.23
C SER A 314 -8.40 -1.69 -21.17
N ALA A 315 -8.44 -2.88 -21.76
CA ALA A 315 -9.69 -3.54 -22.06
C ALA A 315 -10.48 -3.83 -20.77
N MET A 316 -9.80 -4.39 -19.78
CA MET A 316 -10.45 -4.72 -18.51
C MET A 316 -11.01 -3.48 -17.82
N LEU A 317 -10.17 -2.47 -17.65
CA LEU A 317 -10.58 -1.30 -16.87
C LEU A 317 -11.54 -0.40 -17.64
N SER A 318 -11.66 -0.60 -18.95
CA SER A 318 -12.61 0.16 -19.75
C SER A 318 -14.02 -0.39 -19.61
N ASP A 319 -14.14 -1.60 -19.08
CA ASP A 319 -15.43 -2.22 -18.86
C ASP A 319 -16.00 -1.73 -17.53
N LYS A 320 -16.95 -0.79 -17.61
CA LYS A 320 -17.50 -0.16 -16.42
CA LYS A 320 -17.49 -0.15 -16.43
C LYS A 320 -18.32 -1.11 -15.55
N LYS A 321 -18.84 -2.17 -16.15
CA LYS A 321 -19.55 -3.17 -15.37
CA LYS A 321 -19.55 -3.18 -15.38
C LYS A 321 -18.54 -3.93 -14.51
N LEU A 322 -17.41 -4.29 -15.10
CA LEU A 322 -16.38 -5.00 -14.35
C LEU A 322 -15.83 -4.13 -13.23
N THR A 323 -15.49 -2.88 -13.52
CA THR A 323 -14.87 -2.05 -12.49
C THR A 323 -15.82 -1.84 -11.32
N LYS A 324 -17.09 -1.57 -11.61
CA LYS A 324 -18.05 -1.34 -10.55
C LYS A 324 -18.22 -2.58 -9.70
N ASN A 325 -18.39 -3.73 -10.36
CA ASN A 325 -18.60 -4.96 -9.62
C ASN A 325 -17.34 -5.37 -8.86
N TYR A 326 -16.19 -5.14 -9.48
CA TYR A 326 -14.93 -5.50 -8.83
C TYR A 326 -14.77 -4.73 -7.52
N ILE A 327 -14.94 -3.41 -7.57
CA ILE A 327 -14.74 -2.62 -6.36
C ILE A 327 -15.72 -3.06 -5.27
N ALA A 328 -16.98 -3.28 -5.67
CA ALA A 328 -18.01 -3.66 -4.72
C ALA A 328 -17.70 -4.99 -4.05
N GLU A 329 -17.31 -5.97 -4.85
CA GLU A 329 -17.05 -7.32 -4.32
CA GLU A 329 -17.03 -7.32 -4.34
C GLU A 329 -15.76 -7.35 -3.51
N ASN A 330 -14.76 -6.60 -3.94
CA ASN A 330 -13.49 -6.53 -3.23
C ASN A 330 -13.75 -5.94 -1.83
N HIS A 331 -14.52 -4.86 -1.76
CA HIS A 331 -14.92 -4.31 -0.46
C HIS A 331 -15.63 -5.36 0.39
N LYS A 332 -16.61 -6.05 -0.20
CA LYS A 332 -17.35 -7.06 0.55
CA LYS A 332 -17.36 -7.08 0.52
C LYS A 332 -16.44 -8.15 1.08
N ARG A 333 -15.58 -8.68 0.23
CA ARG A 333 -14.75 -9.81 0.63
C ARG A 333 -13.64 -9.39 1.59
N LEU A 334 -13.04 -8.23 1.37
CA LEU A 334 -12.04 -7.73 2.28
C LEU A 334 -12.64 -7.52 3.68
N LYS A 335 -13.84 -6.95 3.73
CA LYS A 335 -14.47 -6.69 5.01
C LYS A 335 -14.73 -7.99 5.76
N GLN A 336 -15.22 -9.00 5.04
CA GLN A 336 -15.51 -10.29 5.64
C GLN A 336 -14.25 -10.93 6.22
N ARG A 337 -13.12 -10.81 5.51
CA ARG A 337 -11.88 -11.39 6.00
CA ARG A 337 -11.86 -11.38 5.97
C ARG A 337 -11.31 -10.62 7.16
N GLN A 338 -11.37 -9.30 7.10
CA GLN A 338 -10.85 -8.50 8.20
C GLN A 338 -11.63 -8.82 9.47
N LYS A 339 -12.95 -8.92 9.33
CA LYS A 339 -13.79 -9.23 10.49
C LYS A 339 -13.44 -10.60 11.06
N LYS A 340 -13.15 -11.55 10.18
CA LYS A 340 -12.78 -12.89 10.64
C LYS A 340 -11.45 -12.86 11.39
N LEU A 341 -10.49 -12.09 10.90
CA LEU A 341 -9.21 -11.97 11.61
C LEU A 341 -9.41 -11.28 12.96
N VAL A 342 -10.16 -10.18 12.96
CA VAL A 342 -10.39 -9.43 14.18
C VAL A 342 -11.09 -10.30 15.23
N SER A 343 -12.10 -11.05 14.79
CA SER A 343 -12.85 -11.93 15.68
CA SER A 343 -12.85 -11.93 15.68
CA SER A 343 -12.84 -11.92 15.71
C SER A 343 -11.95 -13.06 16.21
N GLY A 344 -11.13 -13.62 15.33
CA GLY A 344 -10.24 -14.70 15.72
C GLY A 344 -9.23 -14.24 16.75
N LEU A 345 -8.66 -13.06 16.54
CA LEU A 345 -7.72 -12.48 17.49
C LEU A 345 -8.39 -12.17 18.84
N GLN A 346 -9.63 -11.68 18.79
CA GLN A 346 -10.37 -11.36 20.01
C GLN A 346 -10.49 -12.59 20.93
N LYS A 347 -10.61 -13.77 20.33
CA LYS A 347 -10.77 -15.00 21.10
C LYS A 347 -9.50 -15.42 21.81
N SER A 348 -8.37 -14.86 21.38
CA SER A 348 -7.10 -15.06 22.09
C SER A 348 -6.82 -13.86 22.99
N GLY A 349 -7.82 -13.00 23.15
CA GLY A 349 -7.68 -11.80 23.97
C GLY A 349 -6.84 -10.72 23.32
N ILE A 350 -6.74 -10.73 22.00
CA ILE A 350 -5.88 -9.80 21.27
C ILE A 350 -6.69 -8.81 20.47
N SER A 351 -6.43 -7.52 20.69
CA SER A 351 -7.13 -6.43 19.99
C SER A 351 -6.30 -5.91 18.83
N CYS A 352 -6.98 -5.22 17.91
CA CYS A 352 -6.31 -4.57 16.79
C CYS A 352 -6.59 -3.08 16.85
N LEU A 353 -5.72 -2.29 16.23
CA LEU A 353 -6.05 -0.92 15.92
C LEU A 353 -7.28 -0.98 15.04
N ASN A 354 -8.33 -0.26 15.42
CA ASN A 354 -9.55 -0.26 14.65
C ASN A 354 -9.30 0.29 13.26
N GLY A 355 -9.35 -0.59 12.27
CA GLY A 355 -9.05 -0.21 10.90
C GLY A 355 -10.19 -0.49 9.93
N ASN A 356 -9.99 -0.09 8.68
CA ASN A 356 -11.08 -0.07 7.72
C ASN A 356 -10.60 -0.20 6.30
N ALA A 357 -9.32 -0.51 6.12
CA ALA A 357 -8.74 -0.55 4.77
C ALA A 357 -7.53 -1.46 4.70
N GLY A 358 -7.06 -1.71 3.49
CA GLY A 358 -5.85 -2.49 3.33
C GLY A 358 -6.09 -3.98 3.32
N LEU A 359 -4.99 -4.74 3.44
CA LEU A 359 -5.02 -6.19 3.31
C LEU A 359 -4.55 -6.83 4.59
N PHE A 360 -4.56 -6.05 5.68
CA PHE A 360 -3.90 -6.46 6.93
C PHE A 360 -4.52 -5.72 8.10
N CYS A 361 -4.27 -6.24 9.29
CA CYS A 361 -4.59 -5.55 10.54
C CYS A 361 -3.30 -5.22 11.28
N TRP A 362 -3.36 -4.16 12.07
CA TRP A 362 -2.25 -3.74 12.92
C TRP A 362 -2.66 -4.19 14.32
N VAL A 363 -1.91 -5.15 14.84
CA VAL A 363 -2.35 -5.96 15.96
C VAL A 363 -1.57 -5.65 17.23
N ASP A 364 -2.32 -5.48 18.32
CA ASP A 364 -1.76 -5.05 19.60
C ASP A 364 -1.42 -6.28 20.44
N MET A 365 -0.14 -6.64 20.48
CA MET A 365 0.30 -7.75 21.32
CA MET A 365 0.27 -7.73 21.35
C MET A 365 1.22 -7.27 22.44
N ARG A 366 1.11 -5.99 22.80
CA ARG A 366 1.94 -5.44 23.86
C ARG A 366 1.83 -6.25 25.16
N HIS A 367 0.63 -6.73 25.46
CA HIS A 367 0.40 -7.43 26.73
C HIS A 367 1.02 -8.83 26.75
N LEU A 368 1.55 -9.25 25.61
CA LEU A 368 2.22 -10.55 25.51
C LEU A 368 3.74 -10.42 25.53
N LEU A 369 4.24 -9.19 25.63
CA LEU A 369 5.68 -8.96 25.74
C LEU A 369 6.19 -9.25 27.14
N ARG A 370 7.42 -9.75 27.22
CA ARG A 370 8.09 -9.96 28.50
C ARG A 370 8.34 -8.61 29.18
N SER A 371 8.61 -7.60 28.36
N SER A 371 8.61 -7.60 28.37
CA SER A 371 8.82 -6.24 28.86
CA SER A 371 8.79 -6.24 28.86
C SER A 371 8.57 -5.26 27.72
C SER A 371 8.56 -5.26 27.72
N ASN A 372 8.47 -3.98 28.04
CA ASN A 372 8.21 -2.97 27.02
C ASN A 372 9.47 -2.60 26.25
N THR A 373 10.02 -3.57 25.53
CA THR A 373 11.25 -3.38 24.78
C THR A 373 11.14 -4.05 23.42
N PHE A 374 11.97 -3.62 22.46
CA PHE A 374 11.96 -4.25 21.15
C PHE A 374 12.62 -5.62 21.20
N GLU A 375 13.48 -5.82 22.19
CA GLU A 375 14.05 -7.14 22.43
C GLU A 375 12.92 -8.12 22.76
N ALA A 376 11.99 -7.67 23.60
CA ALA A 376 10.85 -8.50 23.95
C ALA A 376 9.96 -8.74 22.74
N GLU A 377 9.80 -7.72 21.89
CA GLU A 377 9.01 -7.88 20.68
C GLU A 377 9.62 -8.96 19.80
N MET A 378 10.94 -8.95 19.66
CA MET A 378 11.60 -9.92 18.80
C MET A 378 11.53 -11.34 19.39
N GLU A 379 11.58 -11.44 20.72
CA GLU A 379 11.40 -12.72 21.37
C GLU A 379 10.04 -13.30 21.03
N LEU A 380 9.00 -12.48 21.17
CA LEU A 380 7.63 -12.93 20.91
C LEU A 380 7.49 -13.31 19.45
N TRP A 381 8.01 -12.45 18.57
CA TRP A 381 7.94 -12.71 17.15
C TRP A 381 8.53 -14.07 16.79
N LYS A 382 9.71 -14.36 17.32
CA LYS A 382 10.38 -15.62 17.01
C LYS A 382 9.61 -16.83 17.53
N LYS A 383 8.97 -16.68 18.69
CA LYS A 383 8.11 -17.75 19.22
C LYS A 383 6.93 -18.01 18.28
N ILE A 384 6.38 -16.96 17.71
CA ILE A 384 5.25 -17.09 16.79
C ILE A 384 5.68 -17.81 15.51
N VAL A 385 6.86 -17.48 15.01
CA VAL A 385 7.40 -18.17 13.84
C VAL A 385 7.66 -19.65 14.14
N TYR A 386 8.37 -19.92 15.24
CA TYR A 386 8.88 -21.27 15.49
C TYR A 386 7.89 -22.20 16.21
N GLU A 387 7.09 -21.66 17.11
CA GLU A 387 6.18 -22.48 17.89
C GLU A 387 4.75 -22.47 17.34
N VAL A 388 4.30 -21.33 16.84
CA VAL A 388 2.97 -21.21 16.28
C VAL A 388 2.99 -21.43 14.77
N HIS A 389 4.18 -21.32 14.18
CA HIS A 389 4.35 -21.47 12.74
C HIS A 389 3.47 -20.51 11.95
N LEU A 390 3.50 -19.24 12.32
CA LEU A 390 2.87 -18.19 11.55
C LEU A 390 3.95 -17.19 11.15
N ASN A 391 3.89 -16.71 9.91
CA ASN A 391 4.73 -15.58 9.54
C ASN A 391 3.90 -14.31 9.60
N ILE A 392 4.26 -13.43 10.53
CA ILE A 392 3.66 -12.09 10.63
C ILE A 392 4.80 -11.09 10.73
N SER A 393 4.48 -9.80 10.67
CA SER A 393 5.53 -8.78 10.67
C SER A 393 5.63 -8.05 12.00
N PRO A 394 6.83 -8.07 12.61
CA PRO A 394 7.01 -7.32 13.86
C PRO A 394 7.00 -5.82 13.58
N GLY A 395 6.35 -5.06 14.46
CA GLY A 395 6.20 -3.64 14.24
C GLY A 395 7.50 -2.87 14.11
N SER A 396 8.56 -3.36 14.76
CA SER A 396 9.84 -2.69 14.64
C SER A 396 10.37 -2.72 13.20
N SER A 397 9.94 -3.71 12.42
CA SER A 397 10.34 -3.78 11.01
C SER A 397 9.72 -2.63 10.22
N CYS A 398 8.64 -2.07 10.76
CA CYS A 398 7.96 -0.93 10.15
C CYS A 398 8.30 0.36 10.88
N HIS A 399 9.30 0.29 11.75
CA HIS A 399 9.77 1.47 12.49
C HIS A 399 8.76 2.02 13.49
N CYS A 400 7.89 1.17 13.99
CA CYS A 400 6.97 1.60 15.03
C CYS A 400 7.79 1.95 16.27
N THR A 401 7.48 3.07 16.92
CA THR A 401 8.24 3.45 18.12
C THR A 401 7.77 2.74 19.40
N GLU A 402 6.64 2.04 19.32
CA GLU A 402 6.14 1.27 20.47
C GLU A 402 6.32 -0.21 20.23
N PRO A 403 7.09 -0.89 21.08
CA PRO A 403 7.23 -2.33 20.94
C PRO A 403 5.88 -3.04 21.07
N GLY A 404 5.72 -4.14 20.34
CA GLY A 404 4.61 -5.04 20.58
C GLY A 404 3.46 -5.00 19.58
N TRP A 405 3.58 -4.17 18.54
CA TRP A 405 2.60 -4.16 17.46
C TRP A 405 3.07 -5.07 16.35
N PHE A 406 2.13 -5.71 15.65
CA PHE A 406 2.45 -6.59 14.54
C PHE A 406 1.51 -6.36 13.37
N ARG A 407 2.01 -6.48 12.15
CA ARG A 407 1.12 -6.48 11.00
C ARG A 407 0.76 -7.92 10.63
N VAL A 408 -0.52 -8.16 10.46
CA VAL A 408 -1.01 -9.49 10.13
C VAL A 408 -1.92 -9.39 8.92
N CYS A 409 -1.54 -10.07 7.84
CA CYS A 409 -2.29 -9.99 6.59
C CYS A 409 -3.40 -11.02 6.53
N PHE A 410 -4.48 -10.70 5.82
CA PHE A 410 -5.63 -11.58 5.78
C PHE A 410 -6.17 -11.89 4.38
N ALA A 411 -5.62 -11.27 3.35
CA ALA A 411 -6.28 -11.34 2.04
C ALA A 411 -5.68 -12.38 1.09
N ASN A 412 -4.70 -13.14 1.57
CA ASN A 412 -4.05 -14.15 0.73
C ASN A 412 -4.42 -15.59 1.07
N LEU A 413 -5.08 -15.80 2.20
CA LEU A 413 -5.37 -17.16 2.65
C LEU A 413 -6.81 -17.58 2.39
N PRO A 414 -7.03 -18.89 2.17
CA PRO A 414 -8.38 -19.44 2.23
C PRO A 414 -8.94 -19.24 3.64
N GLU A 415 -10.25 -19.07 3.77
CA GLU A 415 -10.83 -18.78 5.07
C GLU A 415 -10.48 -19.84 6.09
N ARG A 416 -10.45 -21.10 5.67
CA ARG A 416 -10.13 -22.20 6.57
C ARG A 416 -8.70 -22.13 7.09
N THR A 417 -7.80 -21.59 6.28
CA THR A 417 -6.41 -21.49 6.69
C THR A 417 -6.23 -20.36 7.68
N LEU A 418 -6.94 -19.26 7.44
CA LEU A 418 -7.00 -18.16 8.40
C LEU A 418 -7.53 -18.67 9.74
N ASP A 419 -8.58 -19.49 9.67
CA ASP A 419 -9.18 -20.07 10.87
C ASP A 419 -8.17 -20.96 11.59
N LEU A 420 -7.42 -21.75 10.82
CA LEU A 420 -6.39 -22.61 11.42
C LEU A 420 -5.36 -21.76 12.14
N ALA A 421 -4.90 -20.69 11.49
CA ALA A 421 -3.92 -19.79 12.10
C ALA A 421 -4.42 -19.25 13.43
N MET A 422 -5.70 -18.89 13.48
CA MET A 422 -6.29 -18.35 14.70
C MET A 422 -6.38 -19.41 15.79
N GLN A 423 -6.66 -20.64 15.40
CA GLN A 423 -6.69 -21.76 16.32
C GLN A 423 -5.32 -22.02 16.94
N ARG A 424 -4.29 -22.01 16.10
CA ARG A 424 -2.91 -22.20 16.56
C ARG A 424 -2.53 -21.12 17.57
N LEU A 425 -2.84 -19.87 17.24
CA LEU A 425 -2.50 -18.75 18.09
C LEU A 425 -3.18 -18.88 19.45
N LYS A 426 -4.45 -19.26 19.45
CA LYS A 426 -5.19 -19.38 20.70
C LYS A 426 -4.58 -20.44 21.60
N ALA A 427 -4.12 -21.54 21.00
CA ALA A 427 -3.49 -22.59 21.78
C ALA A 427 -2.17 -22.09 22.37
N PHE A 428 -1.44 -21.33 21.57
CA PHE A 428 -0.19 -20.73 22.02
C PHE A 428 -0.41 -19.78 23.19
N VAL A 429 -1.39 -18.88 23.05
CA VAL A 429 -1.70 -17.92 24.11
C VAL A 429 -2.13 -18.63 25.40
N GLY A 430 -2.96 -19.66 25.26
CA GLY A 430 -3.43 -20.41 26.41
C GLY A 430 -2.31 -21.10 27.16
N GLU A 431 -1.31 -21.58 26.44
CA GLU A 431 -0.23 -22.34 27.04
C GLU A 431 0.77 -21.47 27.79
N TYR A 432 1.32 -20.49 27.11
CA TYR A 432 2.39 -19.66 27.68
C TYR A 432 1.86 -18.51 28.54
N TYR A 433 0.56 -18.25 28.44
CA TYR A 433 -0.03 -17.14 29.18
C TYR A 433 -1.27 -17.61 29.95
#